data_5T18
#
_entry.id   5T18
#
_cell.length_a   46.604
_cell.length_b   69.759
_cell.length_c   88.955
_cell.angle_alpha   90.000
_cell.angle_beta   90.000
_cell.angle_gamma   90.000
#
_symmetry.space_group_name_H-M   'P 21 21 21'
#
loop_
_entity.id
_entity.type
_entity.pdbx_description
1 polymer 'Tyrosine-protein kinase BTK'
2 non-polymer 6-Fluoro-5-(R)-(3-(S)-(8-fluoro-1-methyl-2,4-dioxo-1,2-dihydroquinazolin-3(4H)-yl)-2-methylphenyl)-2-(S)-(2-hydroxypropan-2-yl)-2,3,4,9-tetrahydro-1H-carbazole-8-carboxamide
3 water water
#
_entity_poly.entity_id   1
_entity_poly.type   'polypeptide(L)'
_entity_poly.pdbx_seq_one_letter_code
;GHMEIDPKDLTFLKELGTGQFGVVKYGKWRGQYDVAIKMIKEGSMSEDEFIEEAKVMMNLSHEKLVQLYGVCTKQRPIFI
ITEYMANGCLLNYLREMRHRFQTQQLLEMCKDVCEAMEYLESKQFLHRDLAARNCLVNDQGVVKVSDFGLSRYVLDDEYT
SSVGSKFPVRWSPPEVLMYSKFSSKSDIWAFGVLMWEIYSLGKMPYERFTNSETAEHIAQGLRLYRPHLASEKVYTIMYS
CWHEKADERPTFKILLSNILDVMDEES
;
_entity_poly.pdbx_strand_id   A
#
loop_
_chem_comp.id
_chem_comp.type
_chem_comp.name
_chem_comp.formula
73T non-polymer 6-Fluoro-5-(R)-(3-(S)-(8-fluoro-1-methyl-2,4-dioxo-1,2-dihydroquinazolin-3(4H)-yl)-2-methylphenyl)-2-(S)-(2-hydroxypropan-2-yl)-2,3,4,9-tetrahydro-1H-carbazole-8-carboxamide 'C32 H30 F2 N4 O4'
#
# COMPACT_ATOMS: atom_id res chain seq x y z
N HIS A 2 23.28 1.42 -1.39
CA HIS A 2 23.14 2.73 -0.76
C HIS A 2 23.25 3.84 -1.81
N MET A 3 22.19 4.68 -1.91
CA MET A 3 22.12 5.79 -2.86
C MET A 3 21.81 7.06 -2.06
N GLU A 4 22.90 7.70 -1.65
CA GLU A 4 22.84 8.93 -0.88
C GLU A 4 22.63 10.05 -1.84
N ILE A 5 21.62 10.88 -1.59
CA ILE A 5 21.34 12.02 -2.43
C ILE A 5 21.82 13.24 -1.69
N ASP A 6 22.49 14.12 -2.40
CA ASP A 6 22.96 15.36 -1.82
C ASP A 6 21.75 16.31 -1.76
N PRO A 7 21.36 16.84 -0.58
CA PRO A 7 20.22 17.80 -0.54
C PRO A 7 20.41 19.05 -1.39
N LYS A 8 21.66 19.40 -1.72
CA LYS A 8 21.92 20.54 -2.58
C LYS A 8 21.39 20.30 -4.01
N ASP A 9 21.16 19.02 -4.39
CA ASP A 9 20.60 18.64 -5.69
C ASP A 9 19.06 18.59 -5.69
N LEU A 10 18.41 18.99 -4.58
CA LEU A 10 16.96 19.01 -4.51
C LEU A 10 16.44 20.42 -4.48
N THR A 11 15.31 20.66 -5.13
CA THR A 11 14.57 21.89 -5.00
C THR A 11 13.25 21.54 -4.33
N PHE A 12 12.70 22.50 -3.59
CA PHE A 12 11.45 22.34 -2.85
C PHE A 12 10.47 23.31 -3.48
N LEU A 13 9.53 22.80 -4.26
CA LEU A 13 8.62 23.60 -5.07
C LEU A 13 7.18 23.76 -4.53
N LYS A 14 6.61 22.74 -3.91
CA LYS A 14 5.25 22.84 -3.37
C LYS A 14 5.11 21.93 -2.15
N GLU A 15 4.27 22.31 -1.20
CA GLU A 15 4.02 21.48 -0.03
C GLU A 15 2.84 20.60 -0.39
N LEU A 16 2.98 19.28 -0.27
CA LEU A 16 1.92 18.34 -0.59
C LEU A 16 1.05 17.97 0.61
N GLY A 17 1.46 18.36 1.80
CA GLY A 17 0.70 18.03 2.99
C GLY A 17 1.58 17.33 4.00
N THR A 18 0.95 16.66 4.97
CA THR A 18 1.57 15.99 6.07
C THR A 18 1.07 14.55 6.15
N GLY A 19 2.00 13.61 6.09
CA GLY A 19 1.69 12.20 6.24
C GLY A 19 2.05 11.74 7.64
N GLN A 20 2.07 10.43 7.84
CA GLN A 20 2.43 9.77 9.11
C GLN A 20 3.79 10.22 9.66
N PHE A 21 4.75 10.50 8.76
CA PHE A 21 6.09 10.88 9.14
C PHE A 21 6.38 12.36 9.06
N GLY A 22 5.39 13.18 8.76
CA GLY A 22 5.56 14.61 8.64
C GLY A 22 5.40 15.13 7.23
N VAL A 23 6.05 16.24 6.99
CA VAL A 23 5.90 17.03 5.79
C VAL A 23 6.35 16.28 4.54
N VAL A 24 5.55 16.42 3.47
CA VAL A 24 5.90 15.87 2.16
C VAL A 24 5.92 17.04 1.21
N LYS A 25 6.98 17.15 0.38
CA LYS A 25 7.08 18.21 -0.61
C LYS A 25 7.24 17.65 -2.00
N TYR A 26 6.85 18.43 -3.00
CA TYR A 26 7.13 18.16 -4.41
C TYR A 26 8.34 18.99 -4.74
N GLY A 27 9.26 18.42 -5.50
CA GLY A 27 10.43 19.14 -5.96
C GLY A 27 11.07 18.49 -7.15
N LYS A 28 12.26 18.92 -7.50
CA LYS A 28 13.04 18.31 -8.58
C LYS A 28 14.36 17.80 -8.04
N TRP A 29 14.84 16.69 -8.56
CA TRP A 29 16.13 16.15 -8.21
C TRP A 29 17.04 16.30 -9.44
N ARG A 30 18.14 17.04 -9.24
CA ARG A 30 19.19 17.37 -10.24
C ARG A 30 18.58 17.88 -11.54
N GLY A 31 17.50 18.64 -11.45
CA GLY A 31 16.78 19.16 -12.61
C GLY A 31 16.25 18.13 -13.57
N GLN A 32 16.26 16.85 -13.19
CA GLN A 32 15.91 15.76 -14.07
C GLN A 32 14.60 15.09 -13.69
N TYR A 33 14.42 14.74 -12.41
CA TYR A 33 13.26 14.01 -11.98
C TYR A 33 12.36 14.83 -11.14
N ASP A 34 11.06 14.68 -11.37
CA ASP A 34 10.05 15.20 -10.44
C ASP A 34 10.06 14.23 -9.26
N VAL A 35 10.09 14.74 -8.03
CA VAL A 35 10.15 13.89 -6.87
C VAL A 35 9.20 14.32 -5.77
N ALA A 36 8.84 13.35 -4.94
CA ALA A 36 8.23 13.60 -3.64
C ALA A 36 9.36 13.46 -2.60
N ILE A 37 9.44 14.44 -1.69
CA ILE A 37 10.46 14.46 -0.66
C ILE A 37 9.73 14.29 0.66
N LYS A 38 9.91 13.16 1.33
CA LYS A 38 9.29 12.89 2.63
C LYS A 38 10.28 13.29 3.68
N MET A 39 9.94 14.27 4.52
CA MET A 39 10.83 14.73 5.60
C MET A 39 10.39 13.98 6.86
N ILE A 40 11.22 13.03 7.33
CA ILE A 40 10.85 12.09 8.40
C ILE A 40 11.05 12.72 9.77
N LYS A 41 9.95 13.18 10.39
CA LYS A 41 10.01 13.86 11.69
C LYS A 41 10.72 12.99 12.69
N GLU A 42 11.58 13.62 13.53
CA GLU A 42 12.33 12.84 14.50
C GLU A 42 11.42 12.18 15.49
N GLY A 43 11.76 10.96 15.85
CA GLY A 43 10.96 10.17 16.76
C GLY A 43 9.86 9.35 16.10
N SER A 44 9.64 9.47 14.75
CA SER A 44 8.56 8.74 14.08
C SER A 44 8.99 7.42 13.44
N MET A 45 10.28 7.28 13.13
CA MET A 45 10.78 6.10 12.44
C MET A 45 12.10 5.63 13.05
N SER A 46 12.38 4.31 12.99
CA SER A 46 13.70 3.76 13.36
C SER A 46 14.60 4.00 12.13
N GLU A 47 15.28 5.16 12.05
CA GLU A 47 16.11 5.51 10.89
C GLU A 47 17.25 4.54 10.62
N ASP A 48 17.95 4.08 11.66
CA ASP A 48 19.08 3.15 11.46
C ASP A 48 18.62 1.87 10.79
N GLU A 49 17.51 1.30 11.28
CA GLU A 49 16.95 0.06 10.73
C GLU A 49 16.41 0.32 9.31
N PHE A 50 15.72 1.47 9.10
CA PHE A 50 15.23 1.82 7.75
C PHE A 50 16.39 2.00 6.76
N ILE A 51 17.46 2.73 7.14
CA ILE A 51 18.58 3.00 6.22
C ILE A 51 19.23 1.70 5.72
N GLU A 52 19.38 0.71 6.60
CA GLU A 52 19.89 -0.61 6.21
C GLU A 52 18.98 -1.25 5.14
N GLU A 53 17.67 -1.19 5.36
CA GLU A 53 16.69 -1.75 4.43
C GLU A 53 16.56 -0.93 3.15
N ALA A 54 16.86 0.39 3.19
CA ALA A 54 16.75 1.24 2.01
C ALA A 54 17.60 0.78 0.84
N LYS A 55 18.75 0.12 1.10
CA LYS A 55 19.60 -0.42 0.05
C LYS A 55 18.86 -1.53 -0.70
N VAL A 56 18.10 -2.37 0.03
CA VAL A 56 17.26 -3.41 -0.54
C VAL A 56 16.10 -2.76 -1.29
N MET A 57 15.47 -1.74 -0.70
CA MET A 57 14.37 -1.04 -1.38
C MET A 57 14.78 -0.37 -2.72
N MET A 58 16.03 0.17 -2.86
CA MET A 58 16.50 0.75 -4.16
C MET A 58 16.44 -0.21 -5.28
N ASN A 59 16.88 -1.44 -4.99
CA ASN A 59 16.98 -2.53 -5.95
C ASN A 59 15.60 -3.00 -6.39
N LEU A 60 14.51 -2.63 -5.67
CA LEU A 60 13.16 -3.01 -6.10
C LEU A 60 12.78 -2.03 -7.18
N SER A 61 12.54 -2.54 -8.41
CA SER A 61 12.19 -1.71 -9.55
C SER A 61 11.14 -2.39 -10.39
N HIS A 62 10.00 -1.78 -10.50
CA HIS A 62 8.89 -2.29 -11.27
C HIS A 62 8.06 -1.09 -11.69
N GLU A 63 7.51 -1.12 -12.89
CA GLU A 63 6.69 -0.02 -13.40
C GLU A 63 5.49 0.34 -12.51
N LYS A 64 4.97 -0.61 -11.70
CA LYS A 64 3.82 -0.35 -10.85
C LYS A 64 4.19 -0.16 -9.38
N LEU A 65 5.47 0.00 -9.09
CA LEU A 65 5.96 0.32 -7.74
C LEU A 65 6.48 1.73 -7.77
N VAL A 66 6.09 2.55 -6.80
CA VAL A 66 6.62 3.92 -6.70
C VAL A 66 8.11 3.79 -6.41
N GLN A 67 8.95 4.36 -7.25
CA GLN A 67 10.38 4.19 -7.18
C GLN A 67 11.01 4.98 -6.07
N LEU A 68 11.89 4.35 -5.32
CA LEU A 68 12.70 5.03 -4.31
C LEU A 68 13.92 5.50 -5.10
N TYR A 69 14.21 6.79 -5.09
CA TYR A 69 15.38 7.31 -5.81
C TYR A 69 16.59 7.43 -4.92
N GLY A 70 16.37 7.64 -3.63
CA GLY A 70 17.45 7.78 -2.68
C GLY A 70 17.01 8.33 -1.37
N VAL A 71 17.99 8.54 -0.50
CA VAL A 71 17.78 9.06 0.82
C VAL A 71 18.81 10.12 1.16
N CYS A 72 18.47 11.02 2.07
CA CYS A 72 19.37 12.05 2.62
C CYS A 72 19.45 11.70 4.11
N THR A 73 20.56 11.09 4.55
CA THR A 73 20.71 10.59 5.92
C THR A 73 21.78 11.26 6.77
N LYS A 74 22.52 12.22 6.21
CA LYS A 74 23.61 12.87 6.97
C LYS A 74 23.07 14.14 7.65
N GLN A 75 21.89 14.01 8.25
CA GLN A 75 21.13 15.08 8.87
C GLN A 75 19.89 14.47 9.55
N ARG A 76 19.20 15.26 10.37
CA ARG A 76 17.92 14.90 10.97
C ARG A 76 17.06 16.15 10.88
N PRO A 77 15.84 16.07 10.34
CA PRO A 77 15.16 14.87 9.81
C PRO A 77 15.82 14.30 8.55
N ILE A 78 15.74 12.97 8.39
CA ILE A 78 16.19 12.34 7.13
C ILE A 78 15.13 12.65 6.06
N PHE A 79 15.53 12.55 4.79
CA PHE A 79 14.61 12.68 3.65
C PHE A 79 14.57 11.37 2.89
N ILE A 80 13.37 10.98 2.43
CA ILE A 80 13.16 9.84 1.53
C ILE A 80 12.69 10.48 0.23
N ILE A 81 13.39 10.23 -0.85
CA ILE A 81 13.13 10.82 -2.16
C ILE A 81 12.50 9.77 -3.06
N THR A 82 11.28 10.01 -3.54
CA THR A 82 10.56 9.04 -4.37
C THR A 82 10.00 9.64 -5.63
N GLU A 83 9.57 8.75 -6.52
CA GLU A 83 8.87 9.11 -7.72
C GLU A 83 7.63 9.95 -7.38
N TYR A 84 7.38 10.98 -8.17
CA TYR A 84 6.25 11.87 -7.97
C TYR A 84 5.01 11.32 -8.69
N MET A 85 3.91 11.27 -7.96
CA MET A 85 2.63 10.76 -8.41
C MET A 85 1.62 11.88 -8.29
N ALA A 86 1.33 12.53 -9.40
CA ALA A 86 0.59 13.78 -9.38
C ALA A 86 -0.83 13.74 -8.93
N ASN A 87 -1.49 12.59 -8.96
CA ASN A 87 -2.87 12.48 -8.54
C ASN A 87 -3.01 11.99 -7.10
N GLY A 88 -1.91 11.84 -6.35
CA GLY A 88 -2.01 11.56 -4.94
C GLY A 88 -2.50 10.17 -4.64
N CYS A 89 -3.06 9.99 -3.46
CA CYS A 89 -3.42 8.64 -3.08
C CYS A 89 -4.70 8.16 -3.68
N LEU A 90 -4.74 6.86 -3.87
CA LEU A 90 -5.88 6.22 -4.49
C LEU A 90 -7.16 6.41 -3.71
N LEU A 91 -7.10 6.44 -2.39
CA LEU A 91 -8.32 6.63 -1.61
C LEU A 91 -9.01 7.93 -1.99
N ASN A 92 -8.25 9.03 -2.09
CA ASN A 92 -8.87 10.31 -2.42
C ASN A 92 -9.26 10.38 -3.88
N TYR A 93 -8.52 9.70 -4.74
CA TYR A 93 -8.82 9.65 -6.17
C TYR A 93 -10.18 8.95 -6.35
N LEU A 94 -10.39 7.81 -5.65
CA LEU A 94 -11.66 7.05 -5.70
C LEU A 94 -12.82 7.88 -5.18
N ARG A 95 -12.58 8.64 -4.13
CA ARG A 95 -13.62 9.42 -3.45
C ARG A 95 -14.01 10.66 -4.21
N GLU A 96 -13.14 11.17 -5.11
CA GLU A 96 -13.44 12.39 -5.87
C GLU A 96 -14.50 12.15 -6.95
N PHE A 101 -16.06 6.58 -12.58
CA PHE A 101 -15.29 5.47 -13.11
C PHE A 101 -16.18 4.39 -13.69
N GLN A 102 -15.72 3.78 -14.78
CA GLN A 102 -16.37 2.62 -15.35
C GLN A 102 -15.78 1.39 -14.67
N THR A 103 -16.52 0.28 -14.63
CA THR A 103 -16.06 -0.94 -13.99
C THR A 103 -14.75 -1.44 -14.59
N GLN A 104 -14.54 -1.28 -15.89
CA GLN A 104 -13.29 -1.70 -16.54
C GLN A 104 -12.08 -0.93 -15.94
N GLN A 105 -12.26 0.36 -15.60
CA GLN A 105 -11.16 1.14 -15.01
C GLN A 105 -10.86 0.67 -13.60
N LEU A 106 -11.88 0.26 -12.84
CA LEU A 106 -11.70 -0.25 -11.48
C LEU A 106 -10.90 -1.54 -11.53
N LEU A 107 -11.17 -2.45 -12.46
CA LEU A 107 -10.40 -3.69 -12.56
C LEU A 107 -8.95 -3.40 -12.98
N GLU A 108 -8.71 -2.40 -13.87
CA GLU A 108 -7.35 -2.03 -14.29
C GLU A 108 -6.56 -1.51 -13.07
N MET A 109 -7.23 -0.80 -12.15
CA MET A 109 -6.54 -0.38 -10.91
C MET A 109 -6.09 -1.60 -10.09
N CYS A 110 -6.98 -2.61 -9.99
CA CYS A 110 -6.61 -3.87 -9.31
C CYS A 110 -5.48 -4.59 -9.99
N LYS A 111 -5.48 -4.62 -11.32
CA LYS A 111 -4.41 -5.23 -12.10
C LYS A 111 -3.06 -4.53 -11.82
N ASP A 112 -3.07 -3.18 -11.85
CA ASP A 112 -1.86 -2.41 -11.62
C ASP A 112 -1.23 -2.81 -10.26
N VAL A 113 -2.05 -2.82 -9.22
CA VAL A 113 -1.53 -3.16 -7.88
C VAL A 113 -1.09 -4.62 -7.83
N CYS A 114 -1.86 -5.53 -8.44
CA CYS A 114 -1.51 -6.93 -8.41
C CYS A 114 -0.19 -7.20 -9.11
N GLU A 115 0.12 -6.47 -10.22
CA GLU A 115 1.41 -6.59 -10.91
C GLU A 115 2.54 -6.20 -9.95
N ALA A 116 2.38 -5.08 -9.22
CA ALA A 116 3.40 -4.67 -8.26
C ALA A 116 3.58 -5.67 -7.15
N MET A 117 2.45 -6.21 -6.63
CA MET A 117 2.50 -7.18 -5.55
C MET A 117 3.07 -8.51 -5.99
N GLU A 118 2.81 -8.92 -7.24
CA GLU A 118 3.43 -10.15 -7.75
C GLU A 118 4.94 -9.97 -7.79
N TYR A 119 5.40 -8.77 -8.14
CA TYR A 119 6.83 -8.50 -8.17
C TYR A 119 7.41 -8.56 -6.76
N LEU A 120 6.78 -7.88 -5.79
CA LEU A 120 7.25 -7.94 -4.41
C LEU A 120 7.25 -9.38 -3.87
N GLU A 121 6.17 -10.15 -4.15
CA GLU A 121 6.07 -11.56 -3.74
C GLU A 121 7.26 -12.35 -4.33
N SER A 122 7.64 -12.07 -5.59
CA SER A 122 8.76 -12.77 -6.22
C SER A 122 10.10 -12.48 -5.58
N LYS A 123 10.21 -11.31 -4.96
CA LYS A 123 11.42 -10.87 -4.25
C LYS A 123 11.36 -11.19 -2.76
N GLN A 124 10.29 -11.87 -2.29
CA GLN A 124 10.08 -12.20 -0.90
C GLN A 124 10.14 -10.96 -0.05
N PHE A 125 9.54 -9.86 -0.56
CA PHE A 125 9.50 -8.58 0.15
C PHE A 125 8.05 -8.28 0.56
N LEU A 126 7.80 -8.15 1.86
CA LEU A 126 6.46 -7.92 2.36
C LEU A 126 6.15 -6.46 2.37
N HIS A 127 4.97 -6.12 1.91
CA HIS A 127 4.52 -4.74 1.98
C HIS A 127 4.22 -4.40 3.45
N ARG A 128 3.35 -5.21 4.06
CA ARG A 128 2.93 -5.16 5.45
C ARG A 128 1.78 -4.18 5.74
N ASP A 129 1.48 -3.22 4.86
CA ASP A 129 0.36 -2.31 5.11
C ASP A 129 -0.27 -1.86 3.82
N LEU A 130 -0.62 -2.80 2.97
CA LEU A 130 -1.28 -2.50 1.73
C LEU A 130 -2.70 -2.00 1.95
N ALA A 131 -3.01 -0.83 1.38
CA ALA A 131 -4.35 -0.26 1.48
C ALA A 131 -4.47 0.88 0.47
N ALA A 132 -5.69 1.31 0.17
CA ALA A 132 -5.87 2.36 -0.83
C ALA A 132 -5.15 3.67 -0.45
N ARG A 133 -5.04 3.97 0.84
CA ARG A 133 -4.38 5.19 1.28
C ARG A 133 -2.90 5.27 0.91
N ASN A 134 -2.21 4.15 0.66
CA ASN A 134 -0.80 4.25 0.24
C ASN A 134 -0.57 3.76 -1.16
N CYS A 135 -1.60 3.49 -1.89
CA CYS A 135 -1.45 3.33 -3.32
C CYS A 135 -1.53 4.73 -3.86
N LEU A 136 -0.72 5.05 -4.87
CA LEU A 136 -0.70 6.40 -5.46
C LEU A 136 -1.07 6.36 -6.92
N VAL A 137 -1.44 7.49 -7.49
CA VAL A 137 -1.95 7.59 -8.85
C VAL A 137 -1.20 8.65 -9.61
N ASN A 138 -0.71 8.32 -10.78
CA ASN A 138 0.05 9.27 -11.57
C ASN A 138 -0.90 10.08 -12.48
N ASP A 139 -0.32 10.98 -13.27
CA ASP A 139 -1.07 11.85 -14.18
C ASP A 139 -1.90 11.10 -15.26
N GLN A 140 -1.53 9.86 -15.60
CA GLN A 140 -2.26 9.04 -16.56
C GLN A 140 -3.29 8.07 -15.90
N GLY A 141 -3.52 8.19 -14.57
CA GLY A 141 -4.46 7.31 -13.89
C GLY A 141 -3.92 5.93 -13.56
N VAL A 142 -2.60 5.71 -13.71
CA VAL A 142 -1.99 4.43 -13.37
C VAL A 142 -1.79 4.41 -11.86
N VAL A 143 -2.14 3.31 -11.23
CA VAL A 143 -1.98 3.13 -9.80
C VAL A 143 -0.67 2.42 -9.56
N LYS A 144 0.05 2.86 -8.52
CA LYS A 144 1.31 2.24 -8.11
C LYS A 144 1.32 2.06 -6.60
N VAL A 145 2.06 1.06 -6.15
CA VAL A 145 2.15 0.73 -4.75
C VAL A 145 3.28 1.53 -4.11
N SER A 146 3.01 2.13 -2.95
CA SER A 146 4.00 2.92 -2.26
C SER A 146 4.14 2.50 -0.79
N ASP A 147 5.22 2.96 -0.17
CA ASP A 147 5.49 2.77 1.27
C ASP A 147 5.61 1.29 1.70
N PHE A 148 6.00 0.45 0.75
CA PHE A 148 6.18 -0.97 0.98
C PHE A 148 7.31 -1.19 1.97
N GLY A 149 7.00 -1.97 2.99
CA GLY A 149 7.90 -2.33 4.07
C GLY A 149 8.09 -1.30 5.15
N LEU A 150 7.60 -0.06 4.97
CA LEU A 150 7.86 1.02 5.92
C LEU A 150 7.25 0.86 7.28
N SER A 151 6.10 0.20 7.38
CA SER A 151 5.41 0.07 8.65
C SER A 151 6.20 -0.71 9.73
N ARG A 152 7.14 -1.54 9.33
CA ARG A 152 8.01 -2.27 10.25
C ARG A 152 8.89 -1.26 11.07
N TYR A 153 9.14 -0.02 10.56
CA TYR A 153 10.01 0.99 11.18
C TYR A 153 9.28 2.09 11.90
N VAL A 154 7.94 2.02 11.97
CA VAL A 154 7.11 3.03 12.62
C VAL A 154 7.28 2.90 14.15
N LEU A 155 7.41 4.06 14.83
CA LEU A 155 7.59 4.08 16.31
C LEU A 155 6.33 4.45 17.09
N ASP A 156 5.33 5.11 16.49
CA ASP A 156 4.11 5.50 17.20
C ASP A 156 3.25 4.29 17.57
N ASP A 157 2.94 4.16 18.88
CA ASP A 157 2.12 3.05 19.41
C ASP A 157 0.70 3.01 18.86
N GLU A 158 0.15 4.17 18.45
CA GLU A 158 -1.19 4.21 17.87
C GLU A 158 -1.25 3.39 16.57
N TYR A 159 -0.11 3.29 15.86
CA TYR A 159 -0.02 2.53 14.61
C TYR A 159 0.50 1.11 14.82
N THR A 160 1.42 0.90 15.77
CA THR A 160 2.06 -0.41 16.01
C THR A 160 1.24 -1.37 16.86
N SER A 161 0.54 -0.88 17.89
CA SER A 161 -0.23 -1.78 18.77
C SER A 161 -1.50 -2.27 18.08
N SER A 162 -1.91 -3.54 18.33
CA SER A 162 -3.14 -4.10 17.75
C SER A 162 -4.41 -3.38 18.21
N VAL A 163 -4.37 -2.72 19.39
CA VAL A 163 -5.49 -1.97 19.96
C VAL A 163 -5.30 -0.45 19.76
N GLY A 164 -4.27 -0.06 18.99
CA GLY A 164 -4.01 1.34 18.70
C GLY A 164 -5.06 1.90 17.76
N SER A 165 -5.31 3.21 17.86
CA SER A 165 -6.30 3.92 17.05
C SER A 165 -5.98 3.94 15.54
N LYS A 166 -4.72 3.74 15.16
CA LYS A 166 -4.28 3.79 13.76
C LYS A 166 -3.81 2.42 13.25
N PHE A 167 -3.94 1.34 14.03
CA PHE A 167 -3.52 0.02 13.52
C PHE A 167 -4.49 -0.36 12.41
N PRO A 168 -4.01 -0.97 11.31
CA PRO A 168 -4.91 -1.32 10.21
C PRO A 168 -5.65 -2.63 10.45
N VAL A 169 -6.45 -2.68 11.53
CA VAL A 169 -7.24 -3.87 11.85
C VAL A 169 -8.12 -4.29 10.66
N ARG A 170 -8.70 -3.34 9.92
CA ARG A 170 -9.65 -3.63 8.86
C ARG A 170 -8.99 -4.25 7.62
N TRP A 171 -7.65 -4.24 7.55
CA TRP A 171 -6.91 -4.82 6.43
C TRP A 171 -6.12 -6.05 6.89
N SER A 172 -6.36 -6.52 8.12
CA SER A 172 -5.54 -7.60 8.68
C SER A 172 -6.20 -8.96 8.74
N PRO A 173 -5.49 -10.03 8.36
CA PRO A 173 -6.05 -11.38 8.49
C PRO A 173 -6.02 -11.88 9.93
N PRO A 174 -6.75 -12.99 10.18
CA PRO A 174 -6.78 -13.52 11.56
C PRO A 174 -5.40 -13.80 12.19
N GLU A 175 -4.41 -14.32 11.41
CA GLU A 175 -3.10 -14.65 11.99
C GLU A 175 -2.31 -13.40 12.38
N VAL A 176 -2.64 -12.24 11.79
CA VAL A 176 -2.02 -10.99 12.18
C VAL A 176 -2.69 -10.51 13.46
N LEU A 177 -4.02 -10.58 13.54
CA LEU A 177 -4.73 -10.14 14.72
C LEU A 177 -4.45 -11.04 15.91
N MET A 178 -4.29 -12.35 15.68
CA MET A 178 -4.01 -13.29 16.77
C MET A 178 -2.53 -13.37 17.17
N TYR A 179 -1.62 -13.42 16.17
CA TYR A 179 -0.20 -13.70 16.44
C TYR A 179 0.80 -12.71 15.86
N SER A 180 0.34 -11.64 15.19
CA SER A 180 1.24 -10.70 14.50
C SER A 180 2.14 -11.45 13.50
N LYS A 181 1.58 -12.45 12.81
CA LYS A 181 2.32 -13.30 11.87
C LYS A 181 2.11 -12.71 10.46
N PHE A 182 3.11 -12.00 9.98
CA PHE A 182 3.10 -11.38 8.66
C PHE A 182 3.75 -12.30 7.66
N SER A 183 3.19 -12.34 6.47
CA SER A 183 3.75 -13.16 5.39
C SER A 183 3.21 -12.66 4.06
N SER A 184 3.60 -13.32 2.96
CA SER A 184 3.03 -12.94 1.69
C SER A 184 1.50 -13.11 1.75
N LYS A 185 1.00 -14.05 2.57
CA LYS A 185 -0.43 -14.30 2.64
C LYS A 185 -1.17 -13.26 3.43
N SER A 186 -0.51 -12.49 4.29
CA SER A 186 -1.19 -11.36 4.92
C SER A 186 -1.26 -10.18 3.96
N ASP A 187 -0.29 -10.06 3.03
CA ASP A 187 -0.39 -9.06 1.97
C ASP A 187 -1.54 -9.44 1.03
N ILE A 188 -1.78 -10.76 0.80
CA ILE A 188 -2.90 -11.19 -0.06
C ILE A 188 -4.22 -10.76 0.57
N TRP A 189 -4.38 -10.98 1.86
CA TRP A 189 -5.61 -10.59 2.57
C TRP A 189 -5.86 -9.09 2.38
N ALA A 190 -4.83 -8.28 2.62
CA ALA A 190 -4.93 -6.84 2.48
C ALA A 190 -5.29 -6.44 1.06
N PHE A 191 -4.76 -7.14 0.07
CA PHE A 191 -5.07 -6.88 -1.32
C PHE A 191 -6.55 -7.10 -1.58
N GLY A 192 -7.13 -8.16 -1.03
CA GLY A 192 -8.56 -8.34 -1.18
C GLY A 192 -9.35 -7.18 -0.62
N VAL A 193 -8.97 -6.68 0.57
CA VAL A 193 -9.63 -5.52 1.16
C VAL A 193 -9.44 -4.31 0.23
N LEU A 194 -8.22 -4.14 -0.35
CA LEU A 194 -7.98 -3.07 -1.32
C LEU A 194 -8.91 -3.19 -2.50
N MET A 195 -9.10 -4.38 -3.06
CA MET A 195 -10.04 -4.52 -4.18
C MET A 195 -11.45 -4.08 -3.74
N TRP A 196 -11.84 -4.46 -2.54
CA TRP A 196 -13.13 -4.03 -1.99
C TRP A 196 -13.18 -2.48 -1.91
N GLU A 197 -12.11 -1.83 -1.43
CA GLU A 197 -12.06 -0.37 -1.36
C GLU A 197 -12.24 0.23 -2.75
N ILE A 198 -11.56 -0.31 -3.75
CA ILE A 198 -11.65 0.19 -5.13
C ILE A 198 -13.07 0.06 -5.66
N TYR A 199 -13.68 -1.12 -5.53
CA TYR A 199 -15.03 -1.33 -6.04
C TYR A 199 -16.08 -0.63 -5.20
N SER A 200 -15.74 -0.19 -3.99
CA SER A 200 -16.64 0.61 -3.16
C SER A 200 -16.38 2.10 -3.24
N LEU A 201 -15.53 2.53 -4.19
CA LEU A 201 -15.17 3.93 -4.37
C LEU A 201 -14.69 4.60 -3.10
N GLY A 202 -13.87 3.88 -2.32
CA GLY A 202 -13.21 4.44 -1.14
C GLY A 202 -13.99 4.46 0.14
N LYS A 203 -15.05 3.65 0.25
CA LYS A 203 -15.76 3.50 1.51
C LYS A 203 -14.83 2.81 2.52
N MET A 204 -15.02 3.10 3.79
CA MET A 204 -14.24 2.47 4.86
C MET A 204 -14.70 1.02 5.00
N PRO A 205 -13.80 0.03 5.05
CA PRO A 205 -14.27 -1.35 5.26
C PRO A 205 -14.81 -1.53 6.66
N TYR A 206 -15.91 -2.30 6.76
CA TYR A 206 -16.61 -2.59 8.04
C TYR A 206 -16.96 -1.29 8.79
N GLU A 207 -17.43 -0.27 8.06
CA GLU A 207 -17.73 1.05 8.61
C GLU A 207 -18.69 0.99 9.80
N ARG A 208 -19.63 0.06 9.78
CA ARG A 208 -20.60 -0.13 10.88
C ARG A 208 -19.97 -0.61 12.19
N PHE A 209 -18.72 -1.12 12.16
CA PHE A 209 -18.04 -1.65 13.31
C PHE A 209 -16.84 -0.85 13.75
N THR A 210 -16.55 -0.94 15.04
CA THR A 210 -15.33 -0.40 15.62
C THR A 210 -14.20 -1.38 15.25
N ASN A 211 -12.94 -1.03 15.55
CA ASN A 211 -11.82 -1.93 15.30
C ASN A 211 -11.98 -3.23 16.10
N SER A 212 -12.39 -3.15 17.39
CA SER A 212 -12.62 -4.35 18.22
C SER A 212 -13.73 -5.25 17.66
N GLU A 213 -14.86 -4.67 17.25
CA GLU A 213 -15.98 -5.39 16.64
C GLU A 213 -15.58 -6.01 15.28
N THR A 214 -14.68 -5.35 14.52
CA THR A 214 -14.21 -5.89 13.24
C THR A 214 -13.39 -7.18 13.50
N ALA A 215 -12.46 -7.14 14.46
CA ALA A 215 -11.68 -8.34 14.79
C ALA A 215 -12.62 -9.50 15.19
N GLU A 216 -13.69 -9.21 15.97
CA GLU A 216 -14.66 -10.25 16.36
C GLU A 216 -15.44 -10.79 15.17
N HIS A 217 -15.87 -9.90 14.26
CA HIS A 217 -16.60 -10.28 13.06
C HIS A 217 -15.74 -11.23 12.23
N ILE A 218 -14.47 -10.87 11.99
CA ILE A 218 -13.53 -11.69 11.20
C ILE A 218 -13.30 -13.05 11.87
N ALA A 219 -13.18 -13.08 13.20
CA ALA A 219 -13.03 -14.32 13.98
C ALA A 219 -14.21 -15.29 13.85
N GLN A 220 -15.41 -14.78 13.59
CA GLN A 220 -16.62 -15.61 13.41
C GLN A 220 -16.78 -16.13 11.97
N GLY A 221 -15.88 -15.71 11.06
CA GLY A 221 -15.92 -16.09 9.66
C GLY A 221 -16.65 -15.09 8.79
N LEU A 222 -17.01 -13.90 9.34
CA LEU A 222 -17.75 -12.90 8.58
C LEU A 222 -16.80 -12.16 7.67
N ARG A 223 -17.28 -11.76 6.50
CA ARG A 223 -16.49 -11.08 5.49
C ARG A 223 -17.25 -9.90 4.91
N LEU A 224 -16.50 -9.01 4.24
CA LEU A 224 -17.05 -7.84 3.57
C LEU A 224 -18.00 -8.32 2.48
N TYR A 225 -19.13 -7.60 2.31
CA TYR A 225 -20.12 -7.92 1.31
C TYR A 225 -19.68 -7.44 -0.07
N ARG A 226 -20.27 -8.01 -1.10
CA ARG A 226 -19.97 -7.66 -2.47
C ARG A 226 -20.37 -6.23 -2.77
N PRO A 227 -19.43 -5.35 -3.20
CA PRO A 227 -19.83 -3.99 -3.59
C PRO A 227 -20.67 -4.08 -4.85
N HIS A 228 -21.65 -3.19 -5.02
CA HIS A 228 -22.51 -3.32 -6.19
C HIS A 228 -21.80 -3.14 -7.52
N LEU A 229 -20.67 -2.42 -7.58
CA LEU A 229 -19.94 -2.29 -8.84
C LEU A 229 -19.10 -3.54 -9.21
N ALA A 230 -18.89 -4.45 -8.29
CA ALA A 230 -18.15 -5.68 -8.53
C ALA A 230 -19.09 -6.76 -9.03
N SER A 231 -18.74 -7.37 -10.14
CA SER A 231 -19.46 -8.52 -10.68
C SER A 231 -19.20 -9.73 -9.78
N GLU A 232 -19.94 -10.82 -10.01
CA GLU A 232 -19.72 -12.05 -9.25
C GLU A 232 -18.29 -12.57 -9.47
N LYS A 233 -17.78 -12.53 -10.71
CA LYS A 233 -16.44 -13.01 -11.03
C LYS A 233 -15.39 -12.16 -10.28
N VAL A 234 -15.59 -10.83 -10.21
CA VAL A 234 -14.63 -9.98 -9.49
C VAL A 234 -14.68 -10.25 -7.99
N TYR A 235 -15.88 -10.38 -7.43
CA TYR A 235 -16.01 -10.65 -6.02
C TYR A 235 -15.37 -12.01 -5.61
N THR A 236 -15.48 -13.02 -6.47
CA THR A 236 -14.88 -14.33 -6.21
C THR A 236 -13.36 -14.14 -6.01
N ILE A 237 -12.74 -13.27 -6.82
CA ILE A 237 -11.32 -12.99 -6.70
C ILE A 237 -11.04 -12.34 -5.34
N MET A 238 -11.73 -11.23 -4.98
CA MET A 238 -11.42 -10.61 -3.70
C MET A 238 -11.71 -11.54 -2.53
N TYR A 239 -12.80 -12.33 -2.62
CA TYR A 239 -13.16 -13.20 -1.51
C TYR A 239 -12.13 -14.34 -1.30
N SER A 240 -11.48 -14.78 -2.39
CA SER A 240 -10.46 -15.84 -2.32
C SER A 240 -9.26 -15.37 -1.45
N CYS A 241 -9.07 -14.05 -1.35
CA CYS A 241 -7.99 -13.48 -0.52
C CYS A 241 -8.24 -13.62 0.96
N TRP A 242 -9.51 -13.92 1.38
CA TRP A 242 -9.91 -13.90 2.77
C TRP A 242 -10.15 -15.27 3.39
N HIS A 243 -9.50 -16.29 2.85
CA HIS A 243 -9.62 -17.62 3.42
C HIS A 243 -9.10 -17.54 4.87
N GLU A 244 -9.76 -18.21 5.81
CA GLU A 244 -9.31 -18.22 7.21
C GLU A 244 -7.88 -18.77 7.31
N LYS A 245 -7.56 -19.77 6.48
CA LYS A 245 -6.24 -20.41 6.47
C LYS A 245 -5.34 -19.70 5.44
N ALA A 246 -4.23 -19.12 5.91
CA ALA A 246 -3.27 -18.42 5.05
C ALA A 246 -2.82 -19.26 3.86
N ASP A 247 -2.52 -20.53 4.10
CA ASP A 247 -2.09 -21.46 3.06
C ASP A 247 -3.10 -21.73 1.94
N GLU A 248 -4.40 -21.49 2.18
CA GLU A 248 -5.44 -21.67 1.16
C GLU A 248 -5.69 -20.40 0.34
N ARG A 249 -5.01 -19.30 0.68
CA ARG A 249 -5.16 -18.08 -0.10
C ARG A 249 -4.29 -18.18 -1.32
N PRO A 250 -4.69 -17.58 -2.45
CA PRO A 250 -3.86 -17.64 -3.65
C PRO A 250 -2.59 -16.81 -3.53
N THR A 251 -1.69 -16.98 -4.47
CA THR A 251 -0.52 -16.13 -4.62
C THR A 251 -0.93 -14.94 -5.46
N PHE A 252 -0.10 -13.91 -5.45
CA PHE A 252 -0.30 -12.81 -6.36
C PHE A 252 -0.17 -13.25 -7.82
N LYS A 253 0.69 -14.28 -8.08
CA LYS A 253 0.81 -14.83 -9.42
C LYS A 253 -0.54 -15.37 -9.91
N ILE A 254 -1.23 -16.14 -9.06
CA ILE A 254 -2.56 -16.67 -9.38
C ILE A 254 -3.56 -15.51 -9.51
N LEU A 255 -3.56 -14.59 -8.55
CA LEU A 255 -4.52 -13.48 -8.61
C LEU A 255 -4.40 -12.70 -9.90
N LEU A 256 -3.19 -12.40 -10.33
CA LEU A 256 -2.98 -11.68 -11.55
C LEU A 256 -3.59 -12.42 -12.75
N SER A 257 -3.36 -13.74 -12.83
CA SER A 257 -3.94 -14.52 -13.93
CA SER A 257 -3.95 -14.53 -13.92
C SER A 257 -5.47 -14.47 -13.87
N ASN A 258 -6.05 -14.54 -12.67
CA ASN A 258 -7.52 -14.46 -12.48
C ASN A 258 -8.05 -13.11 -12.95
N ILE A 259 -7.33 -12.02 -12.62
CA ILE A 259 -7.74 -10.70 -13.05
C ILE A 259 -7.68 -10.55 -14.55
N LEU A 260 -6.58 -11.02 -15.17
CA LEU A 260 -6.43 -10.93 -16.62
C LEU A 260 -7.52 -11.72 -17.33
N ASP A 261 -7.93 -12.85 -16.76
CA ASP A 261 -9.00 -13.66 -17.36
C ASP A 261 -10.33 -12.90 -17.31
N VAL A 262 -10.70 -12.32 -16.14
CA VAL A 262 -11.94 -11.57 -15.98
C VAL A 262 -11.95 -10.35 -16.92
N MET A 263 -10.81 -9.68 -17.12
CA MET A 263 -10.71 -8.54 -18.03
C MET A 263 -11.03 -8.97 -19.46
N ASP A 264 -10.30 -9.99 -19.94
CA ASP A 264 -10.52 -10.54 -21.29
C ASP A 264 -11.96 -10.99 -21.50
N GLU A 265 -12.60 -11.55 -20.45
CA GLU A 265 -13.99 -12.03 -20.53
C GLU A 265 -15.06 -10.94 -20.45
N GLU A 266 -14.88 -9.94 -19.55
CA GLU A 266 -15.84 -8.85 -19.36
C GLU A 266 -15.52 -7.70 -20.30
C13 73T B . -0.75 14.28 -1.85
C18 73T B . 0.95 12.51 0.44
C15 73T B . 4.10 11.14 -4.27
C19 73T B . 1.34 13.69 1.10
C20 73T B . 0.62 14.10 2.26
C21 73T B . -0.41 13.33 2.75
C22 73T B . -0.74 12.13 2.08
C23 73T B . -0.07 11.72 0.92
C11 73T B . -1.00 15.64 -3.96
C12 73T B . -1.70 14.78 -2.90
C34 73T B . -5.43 10.88 2.17
C33 73T B . -6.44 10.07 2.69
C1 73T B . 2.24 12.36 -3.17
C2 73T B . 1.38 12.72 -2.05
C3 73T B . 1.67 12.18 -0.81
C4 73T B . 2.77 11.28 -0.75
C5 73T B . 3.56 10.92 -1.81
C6 73T B . 3.31 11.48 -3.08
N7 73T B . 1.78 13.05 -4.28
C8 73T B . 0.68 13.83 -3.87
C9 73T B . 0.42 13.63 -2.52
C10 73T B . -0.05 14.74 -4.76
C14 73T B . -1.98 16.44 -4.84
O16 73T B . 4.03 11.89 -5.27
N17 73T B . 5.00 10.16 -4.28
O24 73T B . -2.60 17.43 -3.97
N25 73T B . -1.83 11.36 2.63
C26 73T B . -1.48 10.48 3.67
N27 73T B . -2.55 9.74 4.24
C28 73T B . -3.83 9.78 3.71
C29 73T B . -4.14 10.72 2.67
C30 73T B . -3.09 11.57 2.10
C31 73T B . -4.92 8.99 4.19
C32 73T B . -6.20 9.17 3.68
F35 73T B . -4.74 8.03 5.07
O36 73T B . -0.36 10.37 4.09
O37 73T B . -3.26 12.42 1.24
F38 73T B . 3.07 10.68 0.44
C39 73T B . -1.24 17.22 -5.93
C40 73T B . -3.06 15.57 -5.46
C41 73T B . -0.43 10.43 0.23
C42 73T B . -2.25 9.00 5.47
H50 73T B . -1.26 13.57 -1.20
H51 73T B . -0.39 15.07 -1.19
H54 73T B . 2.15 14.29 0.71
H55 73T B . 0.87 15.02 2.76
H56 73T B . -0.92 13.62 3.67
H47 73T B . -0.40 16.39 -3.45
H49 73T B . -2.18 13.94 -3.39
H48 73T B . -2.53 15.31 -2.45
H60 73T B . -5.65 11.62 1.40
H59 73T B . -7.46 10.17 2.29
H43 73T B . 4.35 10.19 -1.62
H44 73T B . 2.17 13.01 -5.23
H46 73T B . 0.67 15.32 -5.34
H45 73T B . -0.59 14.15 -5.50
H53 73T B . 5.49 9.95 -5.14
H52 73T B . 5.24 9.59 -3.48
H57 73T B . -3.28 17.90 -4.52
H58 73T B . -7.01 8.57 4.08
H61 73T B . -1.91 17.88 -6.47
H62 73T B . -0.77 16.59 -6.68
H63 73T B . -0.46 17.85 -5.51
H64 73T B . -3.77 16.15 -6.04
H65 73T B . -3.67 15.03 -4.74
H66 73T B . -2.66 14.84 -6.15
H68 73T B . -1.50 10.20 0.28
H69 73T B . 0.08 9.57 0.65
H67 73T B . -0.19 10.47 -0.83
H70 73T B . -2.98 9.21 6.26
H71 73T B . -1.29 9.25 5.91
H72 73T B . -2.21 7.93 5.29
#